data_4UHF
#
_entry.id   4UHF
#
_cell.length_a   43.230
_cell.length_b   43.230
_cell.length_c   227.830
_cell.angle_alpha   90.00
_cell.angle_beta   90.00
_cell.angle_gamma   120.00
#
_symmetry.space_group_name_H-M   'P 32 2 1'
#
loop_
_entity.id
_entity.type
_entity.pdbx_description
1 polymer ESTERASE
2 non-polymer 'CACODYLIC ACID'
3 non-polymer 'butanoic acid'
4 non-polymer 'TRIETHYLENE GLYCOL'
5 water water
#
_entity_poly.entity_id   1
_entity_poly.type   'polypeptide(L)'
_entity_poly.pdbx_seq_one_letter_code
;MAQRVKITTTATPGEIELAFEDTGTGLPVLLVHGFPLDRTMWKAQREELCDEFRVIVPDLRGFGESQVIPGVATMEAMAD
DLAGLCNHLGLTGKIVLGGLSMGGYVAFAFARKYRDRLAGLILCDTRARPDSPEAKENRRRVAERVRREGPGFIAEEMIP
RLCCESTFRNHPEVIEKIRQMILSAPPEGVAAAALGMAERPDSTDLLPALSCPTLVLVGQFDAISPPEEMEAMARTIPQS
QFVVIPDAGHLPPMEQPERVTQAIREWLRKVHTEAGHHHHHH
;
_entity_poly.pdbx_strand_id   A
#
loop_
_chem_comp.id
_chem_comp.type
_chem_comp.name
_chem_comp.formula
BUA non-polymer 'butanoic acid' 'C4 H8 O2'
CAD non-polymer 'CACODYLIC ACID' 'C2 H7 As O2'
PGE non-polymer 'TRIETHYLENE GLYCOL' 'C6 H14 O4'
#
# COMPACT_ATOMS: atom_id res chain seq x y z
N ALA A 2 -5.48 15.74 9.67
CA ALA A 2 -4.51 15.50 8.55
C ALA A 2 -3.77 16.77 8.18
N GLN A 3 -2.68 16.57 7.47
CA GLN A 3 -1.78 17.61 7.04
CA GLN A 3 -1.89 17.69 7.01
C GLN A 3 -1.67 17.58 5.55
N ARG A 4 -1.24 18.68 4.97
CA ARG A 4 -0.88 18.72 3.56
CA ARG A 4 -0.90 18.74 3.55
C ARG A 4 0.35 19.56 3.44
N VAL A 5 1.37 19.02 2.81
CA VAL A 5 2.68 19.66 2.72
CA VAL A 5 2.66 19.65 2.72
C VAL A 5 3.20 19.49 1.31
N LYS A 6 3.92 20.49 0.84
CA LYS A 6 4.71 20.37 -0.39
CA LYS A 6 4.70 20.39 -0.35
C LYS A 6 6.01 19.71 0.01
N ILE A 7 6.32 18.60 -0.63
CA ILE A 7 7.57 17.89 -0.38
CA ILE A 7 7.44 17.76 -0.41
C ILE A 7 8.42 17.97 -1.57
N THR A 8 9.72 17.85 -1.33
CA THR A 8 10.67 17.72 -2.37
CA THR A 8 10.68 17.71 -2.43
C THR A 8 10.87 16.23 -2.67
N THR A 9 10.83 15.86 -3.95
CA THR A 9 10.91 14.49 -4.38
C THR A 9 11.93 14.43 -5.51
N THR A 10 12.69 13.32 -5.56
CA THR A 10 13.62 13.13 -6.66
C THR A 10 12.94 12.74 -7.96
N ALA A 11 11.66 12.35 -7.91
CA ALA A 11 10.91 12.06 -9.11
C ALA A 11 10.36 13.35 -9.71
N THR A 12 10.15 13.33 -11.01
CA THR A 12 9.35 14.36 -11.65
CA THR A 12 9.41 14.43 -11.62
C THR A 12 8.06 14.51 -10.90
N PRO A 13 7.57 15.73 -10.62
CA PRO A 13 8.07 17.06 -11.05
C PRO A 13 8.88 17.79 -10.00
N GLY A 14 9.52 17.04 -9.08
CA GLY A 14 10.46 17.61 -8.14
C GLY A 14 9.86 18.14 -6.86
N GLU A 15 8.60 18.52 -6.91
CA GLU A 15 7.84 19.00 -5.77
CA GLU A 15 7.86 18.98 -5.75
C GLU A 15 6.42 18.55 -5.92
N ILE A 16 5.82 18.08 -4.85
CA ILE A 16 4.45 17.64 -4.91
CA ILE A 16 4.44 17.65 -4.92
C ILE A 16 3.79 17.86 -3.57
N GLU A 17 2.51 18.21 -3.58
CA GLU A 17 1.74 18.36 -2.37
CA GLU A 17 1.76 18.35 -2.36
C GLU A 17 1.12 17.03 -1.98
N LEU A 18 1.48 16.53 -0.81
CA LEU A 18 0.89 15.30 -0.29
C LEU A 18 0.05 15.61 0.93
N ALA A 19 -1.11 14.98 0.99
CA ALA A 19 -1.95 14.92 2.18
C ALA A 19 -1.57 13.66 2.93
N PHE A 20 -1.53 13.75 4.26
CA PHE A 20 -1.17 12.61 5.05
C PHE A 20 -1.65 12.74 6.46
N GLU A 21 -1.78 11.58 7.11
CA GLU A 21 -2.00 11.49 8.55
C GLU A 21 -0.67 11.11 9.22
N ASP A 22 -0.47 11.61 10.43
CA ASP A 22 0.75 11.32 11.22
C ASP A 22 0.30 11.28 12.67
N THR A 23 0.24 10.10 13.26
CA THR A 23 -0.38 9.89 14.57
C THR A 23 0.48 9.03 15.43
N GLY A 24 0.78 9.47 16.65
CA GLY A 24 1.60 8.68 17.59
C GLY A 24 3.03 9.15 17.65
N THR A 25 3.77 8.55 18.56
CA THR A 25 5.16 8.89 18.79
C THR A 25 5.96 7.60 18.78
N GLY A 26 7.22 7.73 18.43
CA GLY A 26 8.12 6.63 18.48
C GLY A 26 8.51 6.11 17.13
N LEU A 27 8.63 4.77 17.06
N LEU A 27 8.58 4.82 17.03
CA LEU A 27 9.04 4.02 15.82
CA LEU A 27 9.25 4.30 15.90
C LEU A 27 8.15 4.40 14.67
C LEU A 27 8.28 4.38 14.72
N PRO A 28 8.75 4.90 13.58
CA PRO A 28 7.87 5.23 12.47
C PRO A 28 7.47 4.06 11.60
N VAL A 29 6.18 4.00 11.32
CA VAL A 29 5.56 2.97 10.48
C VAL A 29 4.76 3.70 9.43
N LEU A 30 5.16 3.58 8.16
N LEU A 30 5.13 3.52 8.16
CA LEU A 30 4.45 4.25 7.08
CA LEU A 30 4.47 4.16 7.03
C LEU A 30 3.64 3.17 6.39
C LEU A 30 3.63 3.18 6.27
N LEU A 31 2.33 3.43 6.21
CA LEU A 31 1.41 2.48 5.60
C LEU A 31 0.85 3.08 4.30
N VAL A 32 0.96 2.29 3.23
CA VAL A 32 0.66 2.74 1.86
C VAL A 32 -0.59 2.02 1.33
N HIS A 33 -1.58 2.80 0.93
CA HIS A 33 -2.83 2.31 0.42
C HIS A 33 -2.68 1.68 -0.99
N GLY A 34 -3.79 1.07 -1.41
CA GLY A 34 -3.87 0.43 -2.70
C GLY A 34 -4.52 1.27 -3.79
N PHE A 35 -5.05 0.59 -4.80
CA PHE A 35 -5.58 1.19 -6.02
C PHE A 35 -7.03 0.81 -6.25
N PRO A 36 -7.93 1.77 -6.55
CA PRO A 36 -7.83 3.19 -6.29
C PRO A 36 -8.33 3.51 -4.91
N LEU A 37 -7.48 3.71 -3.96
CA LEU A 37 -7.80 3.88 -2.57
C LEU A 37 -7.25 5.20 -2.08
N ASP A 38 -7.30 5.42 -0.77
CA ASP A 38 -6.72 6.58 -0.14
C ASP A 38 -6.31 6.20 1.27
N ARG A 39 -5.77 7.16 2.00
CA ARG A 39 -5.20 6.93 3.33
C ARG A 39 -6.20 6.32 4.31
N THR A 40 -7.48 6.54 4.07
CA THR A 40 -8.48 6.04 5.00
C THR A 40 -8.55 4.52 5.04
N MET A 41 -7.99 3.85 4.04
CA MET A 41 -8.08 2.40 4.16
CA MET A 41 -7.83 2.38 4.00
C MET A 41 -7.22 1.85 5.30
N TRP A 42 -6.28 2.62 5.83
CA TRP A 42 -5.46 2.21 6.98
C TRP A 42 -5.90 2.87 8.29
N LYS A 43 -7.05 3.53 8.31
CA LYS A 43 -7.45 4.26 9.47
CA LYS A 43 -7.56 4.24 9.47
C LYS A 43 -7.51 3.44 10.75
N ALA A 44 -8.02 2.20 10.69
CA ALA A 44 -8.14 1.44 11.92
C ALA A 44 -6.79 1.13 12.54
N GLN A 45 -5.82 0.82 11.69
CA GLN A 45 -4.50 0.50 12.17
C GLN A 45 -3.80 1.76 12.68
N ARG A 46 -3.97 2.89 12.02
CA ARG A 46 -3.38 4.14 12.49
C ARG A 46 -3.93 4.52 13.85
N GLU A 47 -5.24 4.40 14.01
CA GLU A 47 -5.86 4.82 15.26
C GLU A 47 -5.55 3.91 16.42
N GLU A 48 -5.24 2.64 16.17
CA GLU A 48 -4.91 1.68 17.23
C GLU A 48 -3.43 1.55 17.52
N LEU A 49 -2.60 1.54 16.50
CA LEU A 49 -1.18 1.33 16.69
C LEU A 49 -0.48 2.55 17.26
N CYS A 50 -1.16 3.72 17.21
CA CYS A 50 -0.52 4.95 17.68
C CYS A 50 -0.33 5.01 19.16
N ASP A 51 -0.81 4.04 19.93
CA ASP A 51 -0.44 3.96 21.33
C ASP A 51 0.99 3.49 21.57
N GLU A 52 1.62 2.92 20.55
CA GLU A 52 2.89 2.29 20.71
CA GLU A 52 2.96 2.30 20.68
C GLU A 52 3.93 2.72 19.61
N PHE A 53 3.43 3.19 18.45
CA PHE A 53 4.24 3.51 17.29
CA PHE A 53 4.28 3.59 17.31
C PHE A 53 3.79 4.87 16.72
N ARG A 54 4.58 5.45 15.84
CA ARG A 54 4.21 6.63 15.06
C ARG A 54 3.78 6.16 13.69
N VAL A 55 2.52 6.33 13.37
CA VAL A 55 1.95 5.78 12.13
C VAL A 55 1.68 6.95 11.15
N ILE A 56 2.32 6.84 10.00
CA ILE A 56 2.23 7.87 8.95
C ILE A 56 1.49 7.22 7.77
N VAL A 57 0.44 7.88 7.28
CA VAL A 57 -0.42 7.30 6.25
C VAL A 57 -0.69 8.37 5.21
N PRO A 58 0.04 8.36 4.09
CA PRO A 58 -0.17 9.38 3.05
C PRO A 58 -1.22 8.97 2.05
N ASP A 59 -1.81 9.97 1.41
CA ASP A 59 -2.44 9.78 0.09
C ASP A 59 -1.33 9.84 -0.93
N LEU A 60 -1.16 8.78 -1.74
CA LEU A 60 -0.16 8.81 -2.78
C LEU A 60 -0.50 9.88 -3.83
N ARG A 61 0.50 10.25 -4.63
CA ARG A 61 0.26 11.18 -5.71
C ARG A 61 -0.93 10.74 -6.53
N GLY A 62 -1.84 11.69 -6.79
CA GLY A 62 -3.01 11.39 -7.59
C GLY A 62 -4.19 10.81 -6.86
N PHE A 63 -4.05 10.57 -5.55
CA PHE A 63 -5.11 9.91 -4.77
C PHE A 63 -5.56 10.81 -3.63
N GLY A 64 -6.75 10.55 -3.13
CA GLY A 64 -7.25 11.22 -1.95
C GLY A 64 -7.18 12.72 -2.13
N GLU A 65 -6.55 13.40 -1.17
CA GLU A 65 -6.39 14.85 -1.19
C GLU A 65 -5.02 15.30 -1.66
N SER A 66 -4.20 14.38 -2.15
CA SER A 66 -2.89 14.75 -2.69
C SER A 66 -2.97 15.35 -4.08
N GLN A 67 -1.92 16.07 -4.45
CA GLN A 67 -1.82 16.65 -5.79
C GLN A 67 -1.88 15.55 -6.85
N VAL A 68 -2.61 15.84 -7.93
CA VAL A 68 -2.64 14.97 -9.10
C VAL A 68 -1.54 15.40 -10.10
N ILE A 69 -0.68 14.46 -10.50
CA ILE A 69 0.40 14.70 -11.46
C ILE A 69 0.06 13.90 -12.71
N PRO A 70 -0.44 14.60 -13.77
CA PRO A 70 -0.83 13.91 -14.96
C PRO A 70 0.32 13.23 -15.62
N GLY A 71 -0.03 12.14 -16.29
CA GLY A 71 0.90 11.40 -17.14
C GLY A 71 1.03 9.96 -16.67
N VAL A 72 2.19 9.58 -16.21
CA VAL A 72 2.44 8.24 -15.68
C VAL A 72 2.99 8.41 -14.29
N ALA A 73 2.38 7.74 -13.32
CA ALA A 73 2.82 7.75 -11.92
C ALA A 73 3.45 6.39 -11.67
N THR A 74 4.76 6.29 -11.88
CA THR A 74 5.44 5.02 -11.70
C THR A 74 5.52 4.64 -10.23
N MET A 75 5.72 3.35 -9.98
CA MET A 75 5.91 2.88 -8.61
C MET A 75 7.16 3.53 -8.00
N GLU A 76 8.21 3.68 -8.81
CA GLU A 76 9.42 4.37 -8.39
C GLU A 76 9.11 5.81 -7.97
N ALA A 77 8.34 6.53 -8.78
CA ALA A 77 8.01 7.92 -8.41
C ALA A 77 7.25 7.97 -7.08
N MET A 78 6.31 7.05 -6.90
CA MET A 78 5.58 7.02 -5.65
CA MET A 78 5.56 6.93 -5.64
C MET A 78 6.52 6.74 -4.48
N ALA A 79 7.48 5.84 -4.64
CA ALA A 79 8.49 5.56 -3.61
C ALA A 79 9.36 6.77 -3.34
N ASP A 80 9.76 7.48 -4.39
CA ASP A 80 10.54 8.72 -4.24
C ASP A 80 9.78 9.72 -3.42
N ASP A 81 8.48 9.83 -3.65
CA ASP A 81 7.63 10.74 -2.89
C ASP A 81 7.62 10.35 -1.42
N LEU A 82 7.55 9.06 -1.11
CA LEU A 82 7.59 8.61 0.27
C LEU A 82 8.93 8.96 0.92
N ALA A 83 10.03 8.79 0.20
CA ALA A 83 11.34 9.18 0.75
C ALA A 83 11.33 10.68 1.05
N GLY A 84 10.77 11.47 0.14
CA GLY A 84 10.69 12.91 0.34
C GLY A 84 9.83 13.31 1.50
N LEU A 85 8.74 12.59 1.74
CA LEU A 85 7.89 12.85 2.90
C LEU A 85 8.64 12.54 4.19
N CYS A 86 9.33 11.40 4.23
CA CYS A 86 10.10 11.08 5.39
CA CYS A 86 10.19 11.02 5.34
C CYS A 86 11.21 12.13 5.61
N ASN A 87 11.87 12.57 4.55
CA ASN A 87 12.84 13.65 4.68
C ASN A 87 12.19 14.90 5.29
N HIS A 88 11.06 15.31 4.76
CA HIS A 88 10.32 16.51 5.27
CA HIS A 88 10.41 16.50 5.25
C HIS A 88 10.09 16.40 6.77
N LEU A 89 9.64 15.23 7.21
CA LEU A 89 9.29 15.01 8.59
C LEU A 89 10.50 14.82 9.50
N GLY A 90 11.70 14.78 8.94
CA GLY A 90 12.89 14.55 9.72
C GLY A 90 13.12 13.09 10.11
N LEU A 91 12.43 12.18 9.41
CA LEU A 91 12.51 10.71 9.56
C LEU A 91 13.53 10.20 8.55
N THR A 92 14.78 10.56 8.80
CA THR A 92 15.87 10.34 7.84
C THR A 92 16.70 9.10 8.19
N GLY A 93 16.25 8.34 9.20
CA GLY A 93 16.86 7.06 9.63
C GLY A 93 16.03 5.91 9.09
N LYS A 94 15.80 4.85 9.89
CA LYS A 94 15.04 3.68 9.42
CA LYS A 94 15.02 3.74 9.35
C LYS A 94 13.56 3.77 9.74
N ILE A 95 12.75 3.27 8.84
CA ILE A 95 11.31 3.19 9.01
C ILE A 95 10.88 1.73 8.78
N VAL A 96 9.67 1.41 9.24
CA VAL A 96 8.97 0.24 8.71
C VAL A 96 8.02 0.76 7.66
N LEU A 97 7.99 0.10 6.50
CA LEU A 97 7.12 0.47 5.39
C LEU A 97 6.18 -0.69 5.08
N GLY A 98 4.89 -0.42 5.09
CA GLY A 98 3.86 -1.40 4.76
C GLY A 98 3.06 -0.94 3.59
N GLY A 99 2.54 -1.90 2.81
CA GLY A 99 1.64 -1.57 1.72
C GLY A 99 0.70 -2.68 1.44
N LEU A 100 -0.47 -2.29 0.90
CA LEU A 100 -1.46 -3.25 0.43
C LEU A 100 -1.63 -3.12 -1.08
N SER A 101 -1.55 -4.26 -1.77
CA SER A 101 -1.76 -4.39 -3.21
CA SER A 101 -1.81 -4.35 -3.23
C SER A 101 -0.86 -3.42 -4.01
N MET A 102 -1.39 -2.37 -4.67
CA MET A 102 -0.50 -1.39 -5.30
C MET A 102 0.48 -0.82 -4.31
N GLY A 103 0.07 -0.63 -3.06
CA GLY A 103 0.99 -0.13 -2.06
C GLY A 103 2.17 -1.08 -1.83
N GLY A 104 1.94 -2.38 -2.01
CA GLY A 104 3.03 -3.32 -1.99
C GLY A 104 3.98 -3.13 -3.18
N TYR A 105 3.42 -2.82 -4.35
CA TYR A 105 4.29 -2.50 -5.49
C TYR A 105 5.17 -1.29 -5.19
N VAL A 106 4.59 -0.28 -4.52
CA VAL A 106 5.37 0.89 -4.11
C VAL A 106 6.44 0.49 -3.10
N ALA A 107 6.08 -0.40 -2.17
CA ALA A 107 7.06 -0.85 -1.19
C ALA A 107 8.23 -1.56 -1.84
N PHE A 108 7.99 -2.37 -2.87
CA PHE A 108 9.10 -2.97 -3.60
C PHE A 108 9.96 -1.91 -4.25
N ALA A 109 9.34 -0.92 -4.86
CA ALA A 109 10.10 0.16 -5.51
C ALA A 109 10.97 0.88 -4.48
N PHE A 110 10.43 1.09 -3.28
CA PHE A 110 11.18 1.74 -2.21
C PHE A 110 12.35 0.86 -1.76
N ALA A 111 12.11 -0.44 -1.60
CA ALA A 111 13.17 -1.34 -1.19
C ALA A 111 14.30 -1.41 -2.20
N ARG A 112 13.99 -1.25 -3.50
CA ARG A 112 15.06 -1.23 -4.52
CA ARG A 112 15.05 -1.26 -4.53
C ARG A 112 16.03 -0.11 -4.35
N LYS A 113 15.48 1.04 -4.00
CA LYS A 113 16.19 2.31 -4.12
CA LYS A 113 16.25 2.29 -4.06
C LYS A 113 16.68 2.83 -2.75
N TYR A 114 15.93 2.51 -1.71
CA TYR A 114 16.11 3.08 -0.37
C TYR A 114 16.25 1.97 0.67
N ARG A 115 16.98 0.92 0.32
CA ARG A 115 17.16 -0.26 1.19
CA ARG A 115 17.07 -0.23 1.21
C ARG A 115 17.66 0.14 2.58
N ASP A 116 18.58 1.11 2.62
CA ASP A 116 19.19 1.46 3.89
CA ASP A 116 19.23 1.55 3.84
C ASP A 116 18.26 2.21 4.82
N ARG A 117 17.07 2.59 4.33
CA ARG A 117 16.08 3.26 5.16
CA ARG A 117 16.05 3.26 5.14
C ARG A 117 15.04 2.31 5.75
N LEU A 118 15.19 1.00 5.50
CA LEU A 118 14.16 0.04 5.99
C LEU A 118 14.61 -0.75 7.21
N ALA A 119 13.85 -0.66 8.27
CA ALA A 119 13.93 -1.57 9.40
C ALA A 119 13.06 -2.81 9.16
N GLY A 120 12.08 -2.69 8.29
CA GLY A 120 11.16 -3.80 8.07
C GLY A 120 10.19 -3.45 6.97
N LEU A 121 9.58 -4.49 6.42
CA LEU A 121 8.58 -4.38 5.35
CA LEU A 121 8.62 -4.39 5.34
C LEU A 121 7.35 -5.16 5.75
N ILE A 122 6.17 -4.60 5.42
CA ILE A 122 4.89 -5.31 5.60
C ILE A 122 4.25 -5.36 4.21
N LEU A 123 4.07 -6.57 3.69
CA LEU A 123 3.52 -6.78 2.36
C LEU A 123 2.15 -7.45 2.52
N CYS A 124 1.10 -6.70 2.24
CA CYS A 124 -0.27 -7.22 2.39
CA CYS A 124 -0.29 -7.16 2.43
C CYS A 124 -0.94 -7.35 1.05
N ASP A 125 -1.43 -8.57 0.76
CA ASP A 125 -2.35 -8.73 -0.37
C ASP A 125 -1.78 -8.10 -1.65
N THR A 126 -0.61 -8.59 -2.04
CA THR A 126 0.15 -8.02 -3.13
C THR A 126 0.92 -9.14 -3.84
N ARG A 127 1.66 -8.75 -4.87
CA ARG A 127 2.31 -9.67 -5.76
CA ARG A 127 2.33 -9.69 -5.76
C ARG A 127 3.65 -9.10 -6.20
N ALA A 128 4.62 -9.98 -6.40
CA ALA A 128 5.95 -9.57 -6.89
C ALA A 128 6.07 -9.57 -8.41
N ARG A 129 5.29 -10.40 -9.10
CA ARG A 129 5.37 -10.47 -10.54
CA ARG A 129 5.35 -10.46 -10.55
C ARG A 129 4.93 -9.14 -11.16
N PRO A 130 5.41 -8.85 -12.38
CA PRO A 130 4.96 -7.68 -13.13
C PRO A 130 3.63 -8.02 -13.82
N ASP A 131 3.06 -7.04 -14.51
CA ASP A 131 1.88 -7.32 -15.32
C ASP A 131 2.23 -8.19 -16.55
N SER A 132 1.34 -9.15 -16.85
CA SER A 132 1.35 -9.86 -18.13
C SER A 132 0.99 -8.87 -19.23
N PRO A 133 1.15 -9.28 -20.50
CA PRO A 133 0.75 -8.37 -21.58
C PRO A 133 -0.71 -8.02 -21.55
N GLU A 134 -1.58 -8.96 -21.24
CA GLU A 134 -3.04 -8.73 -21.15
CA GLU A 134 -3.01 -8.63 -21.20
C GLU A 134 -3.35 -7.77 -20.02
N ALA A 135 -2.64 -7.92 -18.91
CA ALA A 135 -2.84 -7.01 -17.79
C ALA A 135 -2.36 -5.59 -18.12
N LYS A 136 -1.24 -5.45 -18.82
CA LYS A 136 -0.78 -4.13 -19.26
C LYS A 136 -1.81 -3.46 -20.15
N GLU A 137 -2.35 -4.22 -21.10
CA GLU A 137 -3.35 -3.68 -21.98
CA GLU A 137 -3.35 -3.66 -21.99
C GLU A 137 -4.59 -3.25 -21.21
N ASN A 138 -4.99 -4.05 -20.22
CA ASN A 138 -6.11 -3.68 -19.38
CA ASN A 138 -6.11 -3.70 -19.37
C ASN A 138 -5.86 -2.38 -18.61
N ARG A 139 -4.62 -2.18 -18.15
CA ARG A 139 -4.30 -0.89 -17.47
C ARG A 139 -4.52 0.27 -18.40
N ARG A 140 -4.10 0.12 -19.66
CA ARG A 140 -4.24 1.22 -20.61
CA ARG A 140 -4.26 1.20 -20.66
C ARG A 140 -5.71 1.49 -20.88
N ARG A 141 -6.50 0.42 -20.96
CA ARG A 141 -7.96 0.54 -21.16
CA ARG A 141 -7.91 0.60 -21.14
C ARG A 141 -8.61 1.25 -19.98
N VAL A 142 -8.21 0.87 -18.77
CA VAL A 142 -8.75 1.50 -17.59
C VAL A 142 -8.35 2.97 -17.56
N ALA A 143 -7.09 3.29 -17.86
CA ALA A 143 -6.62 4.68 -17.83
C ALA A 143 -7.41 5.56 -18.79
N GLU A 144 -7.57 5.05 -20.02
CA GLU A 144 -8.28 5.83 -21.05
CA GLU A 144 -8.27 5.77 -21.04
C GLU A 144 -9.68 6.11 -20.60
N ARG A 145 -10.36 5.10 -20.07
CA ARG A 145 -11.73 5.30 -19.67
CA ARG A 145 -11.76 5.20 -19.66
C ARG A 145 -11.91 6.12 -18.43
N VAL A 146 -11.11 5.88 -17.41
CA VAL A 146 -11.35 6.59 -16.16
C VAL A 146 -11.13 8.08 -16.30
N ARG A 147 -10.21 8.48 -17.17
CA ARG A 147 -9.91 9.90 -17.39
CA ARG A 147 -9.85 9.86 -17.30
C ARG A 147 -11.09 10.66 -17.75
N ARG A 148 -11.94 9.99 -18.55
CA ARG A 148 -13.18 10.58 -19.11
CA ARG A 148 -13.13 10.56 -19.13
C ARG A 148 -14.42 10.29 -18.29
N GLU A 149 -14.58 9.06 -17.79
CA GLU A 149 -15.82 8.54 -17.19
CA GLU A 149 -15.86 8.71 -17.17
C GLU A 149 -15.81 8.53 -15.66
N GLY A 150 -14.65 8.70 -15.07
CA GLY A 150 -14.45 8.52 -13.66
C GLY A 150 -14.50 7.06 -13.24
N PRO A 151 -14.26 6.82 -11.95
CA PRO A 151 -14.02 5.46 -11.45
C PRO A 151 -15.25 4.62 -11.12
N GLY A 152 -16.44 5.08 -11.43
CA GLY A 152 -17.60 4.23 -11.17
C GLY A 152 -17.52 2.83 -11.75
N PHE A 153 -17.05 2.71 -12.97
CA PHE A 153 -16.94 1.39 -13.59
C PHE A 153 -15.98 0.49 -12.84
N ILE A 154 -14.97 1.10 -12.19
CA ILE A 154 -13.99 0.32 -11.40
C ILE A 154 -14.68 -0.20 -10.15
N ALA A 155 -15.44 0.66 -9.45
CA ALA A 155 -16.17 0.22 -8.29
C ALA A 155 -17.14 -0.92 -8.66
N GLU A 156 -17.84 -0.77 -9.78
CA GLU A 156 -18.82 -1.77 -10.19
CA GLU A 156 -18.82 -1.76 -10.18
C GLU A 156 -18.16 -3.12 -10.40
N GLU A 157 -17.02 -3.13 -11.09
CA GLU A 157 -16.30 -4.37 -11.35
CA GLU A 157 -16.30 -4.38 -11.36
C GLU A 157 -15.65 -4.95 -10.10
N MET A 158 -15.06 -4.09 -9.30
CA MET A 158 -14.19 -4.58 -8.26
CA MET A 158 -14.11 -4.49 -8.24
C MET A 158 -14.82 -4.84 -6.92
N ILE A 159 -15.83 -4.10 -6.53
CA ILE A 159 -16.42 -4.25 -5.19
CA ILE A 159 -16.30 -4.30 -5.17
C ILE A 159 -16.80 -5.73 -4.95
N PRO A 160 -17.51 -6.37 -5.90
CA PRO A 160 -17.92 -7.76 -5.64
C PRO A 160 -16.73 -8.72 -5.42
N ARG A 161 -15.56 -8.32 -5.91
CA ARG A 161 -14.32 -9.08 -5.86
CA ARG A 161 -14.33 -9.12 -5.85
C ARG A 161 -13.39 -8.77 -4.70
N LEU A 162 -13.58 -7.63 -4.08
CA LEU A 162 -12.59 -7.10 -3.13
C LEU A 162 -12.70 -7.66 -1.75
N CYS A 163 -13.90 -8.08 -1.35
CA CYS A 163 -14.14 -8.52 0.02
CA CYS A 163 -14.21 -8.44 0.01
C CYS A 163 -14.86 -9.82 0.00
N CYS A 164 -14.73 -10.55 1.09
CA CYS A 164 -15.40 -11.85 1.20
C CYS A 164 -16.88 -11.70 1.59
N GLU A 165 -17.62 -12.77 1.37
CA GLU A 165 -19.06 -12.83 1.71
CA GLU A 165 -19.03 -12.77 1.62
C GLU A 165 -19.37 -12.36 3.10
N SER A 166 -18.53 -12.75 4.04
CA SER A 166 -18.80 -12.46 5.43
CA SER A 166 -18.73 -12.42 5.46
C SER A 166 -18.72 -10.92 5.66
N THR A 167 -17.87 -10.20 4.93
CA THR A 167 -17.81 -8.75 5.06
C THR A 167 -19.10 -8.11 4.54
N PHE A 168 -19.60 -8.58 3.40
CA PHE A 168 -20.86 -8.06 2.90
C PHE A 168 -22.00 -8.28 3.90
N ARG A 169 -22.01 -9.47 4.52
CA ARG A 169 -23.10 -9.80 5.43
C ARG A 169 -23.01 -9.04 6.76
N ASN A 170 -21.80 -9.01 7.32
CA ASN A 170 -21.60 -8.48 8.69
C ASN A 170 -21.19 -7.04 8.76
N HIS A 171 -20.62 -6.51 7.66
CA HIS A 171 -20.05 -5.17 7.65
C HIS A 171 -20.40 -4.41 6.40
N PRO A 172 -21.71 -4.23 6.14
CA PRO A 172 -22.10 -3.43 4.97
C PRO A 172 -21.55 -1.99 5.03
N GLU A 173 -21.28 -1.48 6.23
CA GLU A 173 -20.72 -0.15 6.33
C GLU A 173 -19.30 -0.10 5.75
N VAL A 174 -18.56 -1.20 5.87
CA VAL A 174 -17.22 -1.27 5.32
C VAL A 174 -17.30 -1.28 3.80
N ILE A 175 -18.22 -2.06 3.25
CA ILE A 175 -18.42 -2.07 1.81
C ILE A 175 -18.71 -0.67 1.31
N GLU A 176 -19.58 0.05 2.02
CA GLU A 176 -19.92 1.40 1.56
CA GLU A 176 -19.92 1.41 1.57
C GLU A 176 -18.73 2.35 1.66
N LYS A 177 -17.91 2.22 2.70
CA LYS A 177 -16.69 3.03 2.83
CA LYS A 177 -16.72 3.06 2.80
C LYS A 177 -15.76 2.77 1.63
N ILE A 178 -15.58 1.50 1.28
CA ILE A 178 -14.73 1.15 0.16
C ILE A 178 -15.30 1.74 -1.13
N ARG A 179 -16.60 1.62 -1.32
CA ARG A 179 -17.23 2.16 -2.52
CA ARG A 179 -17.23 2.16 -2.50
C ARG A 179 -16.97 3.66 -2.62
N GLN A 180 -17.21 4.39 -1.54
CA GLN A 180 -16.99 5.84 -1.59
CA GLN A 180 -17.02 5.85 -1.57
C GLN A 180 -15.56 6.21 -1.83
N MET A 181 -14.64 5.43 -1.27
CA MET A 181 -13.24 5.66 -1.48
CA MET A 181 -13.21 5.63 -1.49
C MET A 181 -12.88 5.54 -2.97
N ILE A 182 -13.35 4.49 -3.63
CA ILE A 182 -13.09 4.31 -5.06
C ILE A 182 -13.75 5.42 -5.89
N LEU A 183 -15.01 5.72 -5.56
CA LEU A 183 -15.75 6.71 -6.34
C LEU A 183 -15.15 8.10 -6.26
N SER A 184 -14.48 8.41 -5.15
CA SER A 184 -13.86 9.69 -4.90
CA SER A 184 -13.90 9.74 -5.02
C SER A 184 -12.45 9.84 -5.48
N ALA A 185 -11.89 8.76 -6.03
CA ALA A 185 -10.50 8.82 -6.48
C ALA A 185 -10.38 9.74 -7.70
N PRO A 186 -9.41 10.65 -7.71
CA PRO A 186 -9.28 11.60 -8.84
C PRO A 186 -9.10 10.88 -10.18
N PRO A 187 -9.92 11.19 -11.19
CA PRO A 187 -9.81 10.45 -12.47
C PRO A 187 -8.43 10.39 -13.06
N GLU A 188 -7.74 11.52 -13.15
CA GLU A 188 -6.42 11.50 -13.75
C GLU A 188 -5.39 10.82 -12.84
N GLY A 189 -5.59 10.86 -11.53
CA GLY A 189 -4.70 10.15 -10.65
C GLY A 189 -4.83 8.65 -10.81
N VAL A 190 -6.07 8.17 -10.97
CA VAL A 190 -6.30 6.76 -11.24
C VAL A 190 -5.61 6.35 -12.56
N ALA A 191 -5.81 7.18 -13.61
CA ALA A 191 -5.20 6.88 -14.89
C ALA A 191 -3.69 6.80 -14.80
N ALA A 192 -3.09 7.81 -14.17
CA ALA A 192 -1.62 7.89 -14.10
C ALA A 192 -1.07 6.66 -13.36
N ALA A 193 -1.74 6.25 -12.28
CA ALA A 193 -1.29 5.07 -11.54
C ALA A 193 -1.51 3.79 -12.28
N ALA A 194 -2.61 3.67 -13.03
CA ALA A 194 -2.81 2.46 -13.85
C ALA A 194 -1.67 2.32 -14.85
N LEU A 195 -1.31 3.42 -15.53
CA LEU A 195 -0.20 3.39 -16.46
C LEU A 195 1.10 3.07 -15.75
N GLY A 196 1.29 3.61 -14.55
CA GLY A 196 2.50 3.32 -13.81
C GLY A 196 2.60 1.85 -13.44
N MET A 197 1.48 1.27 -12.99
CA MET A 197 1.53 -0.13 -12.65
C MET A 197 1.91 -0.99 -13.84
N ALA A 198 1.41 -0.65 -15.02
CA ALA A 198 1.74 -1.42 -16.21
C ALA A 198 3.22 -1.53 -16.44
N GLU A 199 3.95 -0.46 -16.10
CA GLU A 199 5.36 -0.49 -16.39
CA GLU A 199 5.38 -0.26 -16.31
C GLU A 199 6.26 -0.83 -15.22
N ARG A 200 5.69 -1.30 -14.12
CA ARG A 200 6.51 -1.69 -12.98
C ARG A 200 7.36 -2.90 -13.34
N PRO A 201 8.56 -2.97 -12.75
CA PRO A 201 9.41 -4.13 -13.02
C PRO A 201 8.95 -5.37 -12.26
N ASP A 202 9.47 -6.51 -12.70
CA ASP A 202 9.35 -7.76 -11.96
C ASP A 202 10.13 -7.65 -10.66
N SER A 203 9.51 -7.88 -9.52
CA SER A 203 10.19 -7.89 -8.23
C SER A 203 10.53 -9.28 -7.74
N THR A 204 10.36 -10.31 -8.56
CA THR A 204 10.66 -11.67 -8.12
C THR A 204 12.08 -11.78 -7.58
N ASP A 205 13.09 -11.28 -8.30
CA ASP A 205 14.47 -11.45 -7.85
C ASP A 205 14.87 -10.46 -6.75
N LEU A 206 14.05 -9.42 -6.53
CA LEU A 206 14.28 -8.54 -5.40
C LEU A 206 14.08 -9.28 -4.07
N LEU A 207 13.13 -10.19 -4.04
CA LEU A 207 12.72 -10.77 -2.78
CA LEU A 207 12.69 -10.79 -2.79
C LEU A 207 13.86 -11.45 -2.02
N PRO A 208 14.68 -12.31 -2.66
CA PRO A 208 15.80 -12.92 -1.92
C PRO A 208 16.87 -11.92 -1.53
N ALA A 209 16.85 -10.73 -2.12
CA ALA A 209 17.83 -9.71 -1.85
C ALA A 209 17.40 -8.76 -0.77
N LEU A 210 16.22 -8.95 -0.19
CA LEU A 210 15.78 -8.08 0.88
C LEU A 210 16.68 -8.25 2.11
N SER A 211 16.87 -7.16 2.82
CA SER A 211 17.84 -7.06 3.92
C SER A 211 17.16 -6.67 5.23
N CYS A 212 15.84 -6.87 5.35
CA CYS A 212 15.08 -6.55 6.55
C CYS A 212 14.02 -7.59 6.83
N PRO A 213 13.60 -7.74 8.08
CA PRO A 213 12.44 -8.57 8.40
CA PRO A 213 12.46 -8.58 8.36
C PRO A 213 11.23 -8.14 7.60
N THR A 214 10.44 -9.13 7.16
CA THR A 214 9.25 -8.86 6.36
C THR A 214 8.07 -9.66 6.87
N LEU A 215 6.97 -8.98 7.08
CA LEU A 215 5.69 -9.58 7.41
C LEU A 215 4.87 -9.67 6.13
N VAL A 216 4.40 -10.87 5.79
CA VAL A 216 3.60 -11.11 4.60
C VAL A 216 2.20 -11.49 5.07
N LEU A 217 1.20 -10.69 4.74
CA LEU A 217 -0.14 -10.86 5.25
CA LEU A 217 -0.20 -10.82 5.25
C LEU A 217 -1.11 -10.99 4.08
N VAL A 218 -2.09 -11.89 4.22
CA VAL A 218 -3.05 -12.11 3.17
C VAL A 218 -4.38 -12.50 3.77
N GLY A 219 -5.49 -12.08 3.16
CA GLY A 219 -6.78 -12.60 3.54
C GLY A 219 -6.95 -14.03 3.09
N GLN A 220 -7.59 -14.84 3.95
CA GLN A 220 -7.90 -16.23 3.64
C GLN A 220 -8.59 -16.42 2.30
N PHE A 221 -9.45 -15.47 1.98
CA PHE A 221 -10.32 -15.56 0.79
C PHE A 221 -9.95 -14.53 -0.25
N ASP A 222 -8.70 -14.06 -0.25
CA ASP A 222 -8.28 -13.10 -1.27
C ASP A 222 -8.22 -13.76 -2.63
N ALA A 223 -9.05 -13.28 -3.56
CA ALA A 223 -9.13 -13.84 -4.90
C ALA A 223 -8.18 -13.15 -5.88
N ILE A 224 -7.65 -12.01 -5.49
CA ILE A 224 -6.88 -11.12 -6.37
C ILE A 224 -5.38 -11.37 -6.26
N SER A 225 -4.91 -11.50 -5.02
CA SER A 225 -3.51 -11.84 -4.68
C SER A 225 -3.64 -13.02 -3.71
N PRO A 226 -3.80 -14.24 -4.24
CA PRO A 226 -4.28 -15.32 -3.40
C PRO A 226 -3.25 -15.81 -2.36
N PRO A 227 -3.74 -16.46 -1.30
CA PRO A 227 -2.82 -16.95 -0.28
C PRO A 227 -1.76 -17.89 -0.80
N GLU A 228 -2.08 -18.75 -1.77
CA GLU A 228 -1.10 -19.68 -2.28
CA GLU A 228 -1.09 -19.68 -2.27
C GLU A 228 0.05 -18.94 -2.97
N GLU A 229 -0.29 -17.86 -3.67
CA GLU A 229 0.72 -17.04 -4.35
CA GLU A 229 0.74 -17.06 -4.36
C GLU A 229 1.57 -16.29 -3.32
N MET A 230 0.92 -15.72 -2.31
CA MET A 230 1.66 -14.97 -1.30
C MET A 230 2.54 -15.90 -0.45
N GLU A 231 2.08 -17.12 -0.19
CA GLU A 231 2.92 -18.06 0.53
C GLU A 231 4.17 -18.38 -0.25
N ALA A 232 3.99 -18.58 -1.56
CA ALA A 232 5.12 -18.87 -2.41
C ALA A 232 6.08 -17.68 -2.43
N MET A 233 5.56 -16.46 -2.47
CA MET A 233 6.39 -15.27 -2.36
CA MET A 233 6.44 -15.27 -2.34
C MET A 233 7.20 -15.27 -1.05
N ALA A 234 6.52 -15.55 0.07
CA ALA A 234 7.17 -15.54 1.38
C ALA A 234 8.33 -16.54 1.47
N ARG A 235 8.19 -17.66 0.76
CA ARG A 235 9.25 -18.69 0.78
CA ARG A 235 9.25 -18.68 0.76
C ARG A 235 10.55 -18.23 0.12
N THR A 236 10.52 -17.09 -0.57
CA THR A 236 11.71 -16.51 -1.20
CA THR A 236 11.70 -16.50 -1.21
C THR A 236 12.27 -15.29 -0.47
N ILE A 237 11.59 -14.86 0.58
CA ILE A 237 12.00 -13.69 1.36
C ILE A 237 12.69 -14.18 2.62
N PRO A 238 13.97 -13.80 2.87
N PRO A 238 13.93 -13.72 2.88
CA PRO A 238 14.82 -14.49 3.89
CA PRO A 238 14.56 -14.10 4.13
C PRO A 238 14.34 -14.52 5.34
C PRO A 238 13.90 -13.37 5.31
N GLN A 239 13.83 -13.39 5.83
N GLN A 239 13.95 -13.96 6.47
CA GLN A 239 13.44 -13.25 7.23
CA GLN A 239 13.36 -13.34 7.66
C GLN A 239 11.96 -12.92 7.34
C GLN A 239 11.92 -12.93 7.39
N SER A 240 11.15 -13.83 6.82
CA SER A 240 9.73 -13.61 6.61
C SER A 240 8.89 -14.23 7.69
N GLN A 241 7.74 -13.62 7.92
CA GLN A 241 6.64 -14.19 8.71
CA GLN A 241 6.65 -14.26 8.67
C GLN A 241 5.40 -14.14 7.86
N PHE A 242 4.71 -15.23 7.71
CA PHE A 242 3.54 -15.31 6.84
C PHE A 242 2.29 -15.51 7.69
N VAL A 243 1.29 -14.65 7.49
CA VAL A 243 0.05 -14.65 8.27
CA VAL A 243 0.06 -14.72 8.26
C VAL A 243 -1.14 -14.62 7.34
N VAL A 244 -2.04 -15.60 7.51
CA VAL A 244 -3.31 -15.62 6.78
C VAL A 244 -4.35 -15.15 7.75
N ILE A 245 -5.10 -14.12 7.37
CA ILE A 245 -6.14 -13.52 8.16
C ILE A 245 -7.47 -14.19 7.82
N PRO A 246 -8.10 -14.88 8.80
CA PRO A 246 -9.33 -15.58 8.43
CA PRO A 246 -9.38 -15.56 8.54
C PRO A 246 -10.47 -14.62 8.16
N ASP A 247 -11.41 -15.05 7.32
N ASP A 247 -11.39 -15.09 7.32
CA ASP A 247 -12.63 -14.30 7.09
CA ASP A 247 -12.64 -14.40 7.08
C ASP A 247 -12.38 -12.89 6.55
C ASP A 247 -12.38 -12.93 6.58
N ALA A 248 -11.44 -12.80 5.65
CA ALA A 248 -11.16 -11.60 4.91
C ALA A 248 -10.81 -12.00 3.47
N GLY A 249 -11.16 -11.09 2.57
CA GLY A 249 -10.77 -11.16 1.16
C GLY A 249 -9.52 -10.35 0.93
N HIS A 250 -9.56 -9.51 -0.11
CA HIS A 250 -8.41 -8.75 -0.53
C HIS A 250 -8.09 -7.53 0.32
N LEU A 251 -9.00 -7.13 1.18
CA LEU A 251 -8.80 -5.93 2.00
C LEU A 251 -8.84 -6.24 3.53
N PRO A 252 -7.98 -7.12 4.02
CA PRO A 252 -7.98 -7.39 5.46
C PRO A 252 -7.93 -6.16 6.38
N PRO A 253 -7.15 -5.10 6.10
CA PRO A 253 -7.12 -3.99 7.05
C PRO A 253 -8.48 -3.38 7.36
N MET A 254 -9.37 -3.43 6.37
CA MET A 254 -10.74 -2.94 6.53
CA MET A 254 -10.75 -2.95 6.47
C MET A 254 -11.75 -4.04 6.92
N GLU A 255 -11.52 -5.25 6.43
CA GLU A 255 -12.46 -6.33 6.67
C GLU A 255 -12.30 -6.96 8.06
N GLN A 256 -11.06 -7.08 8.51
CA GLN A 256 -10.72 -7.71 9.79
C GLN A 256 -9.69 -6.80 10.49
N PRO A 257 -10.12 -5.59 10.86
CA PRO A 257 -9.16 -4.61 11.30
C PRO A 257 -8.38 -5.01 12.54
N GLU A 258 -9.07 -5.62 13.52
CA GLU A 258 -8.42 -6.03 14.76
CA GLU A 258 -8.42 -6.02 14.77
C GLU A 258 -7.39 -7.12 14.55
N ARG A 259 -7.72 -8.10 13.70
CA ARG A 259 -6.76 -9.16 13.43
CA ARG A 259 -6.76 -9.15 13.40
C ARG A 259 -5.52 -8.58 12.73
N VAL A 260 -5.74 -7.67 11.77
CA VAL A 260 -4.60 -7.07 11.10
C VAL A 260 -3.74 -6.21 12.06
N THR A 261 -4.41 -5.40 12.87
CA THR A 261 -3.70 -4.59 13.85
C THR A 261 -2.86 -5.45 14.78
N GLN A 262 -3.45 -6.56 15.26
CA GLN A 262 -2.71 -7.44 16.17
C GLN A 262 -1.51 -8.06 15.48
N ALA A 263 -1.69 -8.57 14.24
CA ALA A 263 -0.59 -9.22 13.53
C ALA A 263 0.55 -8.22 13.36
N ILE A 264 0.21 -6.99 12.96
CA ILE A 264 1.22 -5.96 12.74
C ILE A 264 1.91 -5.58 14.09
N ARG A 265 1.09 -5.38 15.12
CA ARG A 265 1.62 -4.97 16.43
C ARG A 265 2.64 -5.96 16.95
N GLU A 266 2.28 -7.25 16.93
CA GLU A 266 3.15 -8.23 17.53
C GLU A 266 4.44 -8.39 16.75
N TRP A 267 4.36 -8.26 15.42
CA TRP A 267 5.55 -8.34 14.58
C TRP A 267 6.44 -7.10 14.78
N LEU A 268 5.83 -5.93 14.84
CA LEU A 268 6.59 -4.70 15.09
C LEU A 268 7.36 -4.76 16.40
N ARG A 269 6.77 -5.37 17.43
CA ARG A 269 7.47 -5.47 18.71
C ARG A 269 8.77 -6.24 18.59
N LYS A 270 8.78 -7.24 17.71
CA LYS A 270 9.96 -8.09 17.47
CA LYS A 270 9.98 -8.05 17.50
C LYS A 270 11.02 -7.31 16.68
N VAL A 271 10.61 -6.70 15.60
N VAL A 271 10.60 -6.52 15.68
CA VAL A 271 11.45 -5.72 14.98
CA VAL A 271 11.54 -5.99 14.64
C VAL A 271 11.72 -4.82 16.18
C VAL A 271 11.95 -4.49 14.72
N HIS A 272 12.92 -4.85 16.74
N HIS A 272 11.11 -3.66 15.32
CA HIS A 272 13.01 -4.43 18.15
CA HIS A 272 11.24 -2.21 15.23
C HIS A 272 13.13 -2.92 18.48
C HIS A 272 11.44 -1.72 16.64
N THR A 273 11.98 -2.41 18.90
N THR A 273 12.69 -1.71 17.09
CA THR A 273 11.69 -1.01 19.26
CA THR A 273 13.02 -1.42 18.48
C THR A 273 12.67 -0.11 20.02
C THR A 273 13.78 -0.11 18.58
N GLU A 274 13.71 0.39 19.36
N GLU A 274 13.71 0.51 19.76
CA GLU A 274 14.40 1.63 19.79
CA GLU A 274 14.43 1.77 20.03
C GLU A 274 15.92 1.60 19.85
C GLU A 274 15.95 1.64 19.90
N ALA A 275 16.52 0.54 20.41
CA ALA A 275 17.98 0.35 20.31
C ALA A 275 18.46 0.26 18.86
N GLY A 276 17.65 -0.37 17.99
CA GLY A 276 17.92 -0.43 16.56
C GLY A 276 17.87 0.92 15.87
N HIS A 277 16.96 1.78 16.33
CA HIS A 277 16.87 3.16 15.86
C HIS A 277 18.12 3.95 16.22
N HIS A 278 18.55 3.87 17.48
CA HIS A 278 19.75 4.57 17.93
C HIS A 278 21.06 4.04 17.29
N HIS A 279 21.14 2.73 17.02
CA HIS A 279 22.38 2.07 16.60
C HIS A 279 22.14 1.05 15.49
AS CAD B . -3.83 -4.81 -8.96
C1 CAD B . -4.58 -6.20 -7.91
C2 CAD B . -3.43 -3.30 -7.87
O1 CAD B . -2.47 -5.38 -9.68
O2 CAD B . -4.94 -4.32 -10.19
C1 BUA C . -8.93 -1.09 -3.12
C1 BUA C . -10.04 -0.16 -3.17
C2 BUA C . -7.46 -1.45 -3.19
C2 BUA C . -8.63 -0.70 -3.11
C3 BUA C . -7.35 -2.62 -4.13
C3 BUA C . -8.59 -2.01 -3.87
C4 BUA C . -5.98 -2.93 -4.64
C4 BUA C . -7.21 -2.61 -3.98
O1 BUA C . -5.84 -4.06 -5.17
O1 BUA C . -7.11 -3.74 -4.52
O2 BUA C . -5.00 -2.12 -4.55
O2 BUA C . -6.24 -1.98 -3.52
C1 PGE D . 6.78 -1.96 -20.77
O1 PGE D . 5.73 -2.54 -21.60
C2 PGE D . 6.64 -2.37 -19.33
O2 PGE D . 7.80 -2.76 -18.63
C3 PGE D . 7.53 -3.45 -17.39
C4 PGE D . 8.04 -4.81 -17.12
O4 PGE D . 6.85 -8.03 -19.45
C6 PGE D . 8.10 -7.76 -18.82
C5 PGE D . 7.68 -7.15 -17.52
O3 PGE D . 7.31 -5.80 -17.76
C1 BUA E . -3.71 -6.43 -31.80
C2 BUA E . -4.83 -7.35 -31.32
C3 BUA E . -6.16 -7.06 -32.00
C4 BUA E . -6.29 -7.68 -33.37
O1 BUA E . -7.33 -7.47 -34.02
O2 BUA E . -5.37 -8.40 -33.80
C1 BUA F . -5.22 -16.46 -14.36
C2 BUA F . -4.32 -17.53 -13.75
C3 BUA F . -3.18 -17.98 -14.65
C4 BUA F . -1.76 -17.64 -14.25
O1 BUA F . -1.20 -16.72 -14.88
O2 BUA F . -1.19 -18.32 -13.37
#